data_1NQ6
#
_entry.id   1NQ6
#
_cell.length_a   34.050
_cell.length_b   79.600
_cell.length_c   87.800
_cell.angle_alpha   90.00
_cell.angle_beta   90.00
_cell.angle_gamma   90.00
#
_symmetry.space_group_name_H-M   'P 21 21 21'
#
loop_
_entity.id
_entity.type
_entity.pdbx_description
1 polymer Xys1
2 non-polymer 'MAGNESIUM ION'
3 water water
#
_entity_poly.entity_id   1
_entity_poly.type   'polypeptide(L)'
_entity_poly.pdbx_seq_one_letter_code
;AGALGDAAAAKGRYFGAAVAANHLGEAAYASTLDAQFGSVTPENEMKWDAVESSRNSFSFSAADRIVSHAQSKGMKVRGH
TLVWHSQLPGWVSPLAATDLRSAMNNHITQVMTHYKGKIHSWDVVNEAFQDGGSGARRSSPFQDKLGNGFIEEAFRTART
VDADAKLCYNDYNTDGQNAKSNAVYEMVKDFKQRGVPIDCVGFQSHFNSNSPVPSDFQANLQRFADLGVDVQITELDIEG
SGSAQAANYTKVVNACLAVTRCTGITVWGVTDKYSWRSGGTPLLFDGDYNKKPAYDAVLAAL
;
_entity_poly.pdbx_strand_id   A
#
loop_
_chem_comp.id
_chem_comp.type
_chem_comp.name
_chem_comp.formula
MG non-polymer 'MAGNESIUM ION' 'Mg 2'
#
# COMPACT_ATOMS: atom_id res chain seq x y z
N ALA A 1 10.91 -6.40 -14.00
CA ALA A 1 12.28 -6.04 -13.56
C ALA A 1 12.64 -6.79 -12.29
N GLY A 2 13.91 -7.15 -12.13
CA GLY A 2 14.42 -7.77 -10.89
C GLY A 2 14.16 -9.25 -10.79
N ALA A 3 14.90 -9.93 -9.90
CA ALA A 3 14.75 -11.37 -9.71
C ALA A 3 13.37 -11.76 -9.16
N LEU A 4 12.95 -11.13 -8.06
CA LEU A 4 11.63 -11.39 -7.50
C LEU A 4 10.55 -10.85 -8.43
N GLY A 5 10.79 -9.67 -9.00
CA GLY A 5 9.80 -9.04 -9.85
C GLY A 5 9.51 -9.85 -11.11
N ASP A 6 10.56 -10.39 -11.72
CA ASP A 6 10.40 -11.21 -12.93
C ASP A 6 9.78 -12.57 -12.61
N ALA A 7 10.14 -13.15 -11.47
CA ALA A 7 9.54 -14.43 -11.06
C ALA A 7 8.04 -14.25 -10.87
N ALA A 8 7.64 -13.15 -10.24
CA ALA A 8 6.22 -12.82 -10.08
C ALA A 8 5.54 -12.52 -11.41
N ALA A 9 6.23 -11.79 -12.29
CA ALA A 9 5.68 -11.38 -13.58
C ALA A 9 5.35 -12.55 -14.48
N ALA A 10 6.09 -13.65 -14.32
CA ALA A 10 5.88 -14.84 -15.14
C ALA A 10 4.51 -15.45 -14.89
N LYS A 11 3.92 -15.15 -13.74
CA LYS A 11 2.57 -15.59 -13.42
C LYS A 11 1.56 -14.44 -13.26
N GLY A 12 1.88 -13.32 -13.90
CA GLY A 12 0.97 -12.19 -14.04
C GLY A 12 0.85 -11.26 -12.83
N ARG A 13 1.86 -11.29 -11.96
CA ARG A 13 1.88 -10.47 -10.76
C ARG A 13 3.11 -9.58 -10.70
N TYR A 14 3.12 -8.61 -9.79
CA TYR A 14 4.34 -7.84 -9.50
C TYR A 14 4.89 -8.18 -8.12
N PHE A 15 6.18 -7.88 -7.92
CA PHE A 15 6.77 -7.95 -6.60
C PHE A 15 7.52 -6.64 -6.31
N GLY A 16 7.09 -5.91 -5.29
CA GLY A 16 7.63 -4.59 -5.02
C GLY A 16 8.22 -4.40 -3.64
N ALA A 17 8.79 -3.23 -3.41
CA ALA A 17 9.32 -2.82 -2.12
C ALA A 17 9.00 -1.35 -1.83
N ALA A 18 8.77 -1.05 -0.55
CA ALA A 18 8.77 0.33 -0.10
C ALA A 18 10.18 0.91 -0.26
N VAL A 19 10.25 2.12 -0.81
CA VAL A 19 11.53 2.79 -1.09
C VAL A 19 11.59 4.17 -0.42
N ALA A 20 12.76 4.49 0.15
CA ALA A 20 13.01 5.81 0.73
C ALA A 20 13.98 6.58 -0.16
N ALA A 21 13.59 7.79 -0.56
CA ALA A 21 14.43 8.64 -1.43
C ALA A 21 15.80 8.89 -0.82
N ASN A 22 15.84 9.09 0.50
CA ASN A 22 17.09 9.42 1.19
C ASN A 22 18.12 8.29 1.28
N HIS A 23 17.77 7.10 0.76
CA HIS A 23 18.72 5.99 0.67
C HIS A 23 19.07 5.59 -0.76
N LEU A 24 18.43 6.21 -1.75
CA LEU A 24 18.63 5.88 -3.17
C LEU A 24 20.06 6.08 -3.68
N GLY A 25 20.80 6.99 -3.06
CA GLY A 25 22.18 7.25 -3.44
C GLY A 25 23.17 6.27 -2.81
N GLU A 26 22.68 5.36 -1.98
CA GLU A 26 23.55 4.39 -1.32
C GLU A 26 23.70 3.17 -2.23
N ALA A 27 24.94 2.90 -2.65
CA ALA A 27 25.21 1.89 -3.70
C ALA A 27 24.57 0.52 -3.47
N ALA A 28 24.64 0.00 -2.24
CA ALA A 28 24.12 -1.34 -1.96
C ALA A 28 22.59 -1.34 -1.88
N TYR A 29 22.03 -0.23 -1.41
CA TYR A 29 20.58 -0.08 -1.32
C TYR A 29 20.01 -0.06 -2.74
N ALA A 30 20.57 0.81 -3.59
CA ALA A 30 20.12 0.92 -4.97
C ALA A 30 20.36 -0.37 -5.77
N SER A 31 21.51 -1.00 -5.54
CA SER A 31 21.85 -2.26 -6.23
C SER A 31 20.86 -3.37 -5.87
N THR A 32 20.52 -3.48 -4.59
CA THR A 32 19.57 -4.48 -4.13
C THR A 32 18.18 -4.21 -4.69
N LEU A 33 17.73 -2.96 -4.58
CA LEU A 33 16.45 -2.56 -5.17
C LEU A 33 16.36 -2.97 -6.65
N ASP A 34 17.36 -2.58 -7.44
CA ASP A 34 17.33 -2.77 -8.88
C ASP A 34 17.50 -4.22 -9.31
N ALA A 35 18.26 -4.97 -8.51
CA ALA A 35 18.50 -6.40 -8.79
C ALA A 35 17.27 -7.26 -8.48
N GLN A 36 16.38 -6.76 -7.62
CA GLN A 36 15.35 -7.63 -7.04
C GLN A 36 13.89 -7.31 -7.35
N PHE A 37 13.55 -6.03 -7.42
CA PHE A 37 12.14 -5.63 -7.39
C PHE A 37 11.61 -5.06 -8.69
N GLY A 38 10.31 -5.30 -8.96
CA GLY A 38 9.67 -4.79 -10.15
C GLY A 38 8.63 -3.71 -9.89
N SER A 39 8.51 -3.28 -8.64
CA SER A 39 7.57 -2.21 -8.27
C SER A 39 8.12 -1.49 -7.04
N VAL A 40 7.79 -0.20 -6.90
CA VAL A 40 8.19 0.58 -5.72
C VAL A 40 7.02 1.31 -5.12
N THR A 41 7.06 1.51 -3.81
CA THR A 41 6.13 2.41 -3.11
C THR A 41 6.95 3.42 -2.31
N PRO A 42 6.77 4.71 -2.58
CA PRO A 42 7.41 5.75 -1.75
C PRO A 42 6.95 5.58 -0.30
N GLU A 43 7.91 5.35 0.60
CA GLU A 43 7.57 5.07 2.00
C GLU A 43 6.91 6.27 2.69
N ASN A 44 7.43 7.47 2.42
CA ASN A 44 6.97 8.67 3.12
C ASN A 44 6.72 9.88 2.21
N GLU A 45 7.30 9.83 1.02
CA GLU A 45 7.48 11.00 0.15
C GLU A 45 6.22 11.52 -0.57
N MET A 46 5.16 10.71 -0.59
CA MET A 46 3.89 11.11 -1.18
C MET A 46 2.79 11.31 -0.14
N LYS A 47 3.14 11.22 1.15
CA LYS A 47 2.18 11.49 2.22
C LYS A 47 1.83 12.97 2.22
N TRP A 48 0.65 13.30 2.74
CA TRP A 48 0.17 14.68 2.73
C TRP A 48 1.22 15.69 3.26
N ASP A 49 1.81 15.43 4.43
CA ASP A 49 2.74 16.42 5.00
C ASP A 49 4.05 16.57 4.19
N ALA A 50 4.34 15.59 3.34
CA ALA A 50 5.53 15.60 2.47
C ALA A 50 5.29 16.34 1.16
N VAL A 51 4.05 16.33 0.66
CA VAL A 51 3.75 16.98 -0.63
C VAL A 51 2.95 18.27 -0.56
N GLU A 52 2.25 18.49 0.55
CA GLU A 52 1.46 19.72 0.73
C GLU A 52 1.46 20.17 2.19
N SER A 53 2.64 20.53 2.70
CA SER A 53 2.78 20.98 4.09
C SER A 53 2.20 22.38 4.30
N SER A 54 2.21 23.18 3.24
CA SER A 54 1.55 24.48 3.22
C SER A 54 0.42 24.41 2.19
N ARG A 55 -0.75 24.97 2.53
CA ARG A 55 -1.94 24.84 1.69
C ARG A 55 -1.74 25.34 0.26
N ASN A 56 -2.07 24.47 -0.69
CA ASN A 56 -1.98 24.73 -2.13
C ASN A 56 -0.55 24.96 -2.66
N SER A 57 0.45 24.64 -1.84
CA SER A 57 1.85 24.70 -2.22
C SER A 57 2.40 23.27 -2.22
N PHE A 58 2.78 22.78 -3.39
CA PHE A 58 3.17 21.38 -3.54
C PHE A 58 4.68 21.17 -3.71
N SER A 59 5.19 20.14 -3.02
CA SER A 59 6.62 19.84 -2.98
C SER A 59 6.85 18.40 -3.40
N PHE A 60 7.10 18.21 -4.70
CA PHE A 60 7.21 16.88 -5.29
C PHE A 60 8.63 16.33 -5.45
N SER A 61 9.67 17.10 -5.11
CA SER A 61 11.04 16.69 -5.45
C SER A 61 11.43 15.29 -4.96
N ALA A 62 11.21 15.02 -3.67
CA ALA A 62 11.61 13.74 -3.08
C ALA A 62 10.89 12.55 -3.75
N ALA A 63 9.57 12.65 -3.90
CA ALA A 63 8.80 11.60 -4.56
C ALA A 63 9.19 11.47 -6.03
N ASP A 64 9.45 12.60 -6.70
CA ASP A 64 9.90 12.59 -8.08
C ASP A 64 11.19 11.79 -8.29
N ARG A 65 12.09 11.82 -7.31
CA ARG A 65 13.33 11.04 -7.37
C ARG A 65 13.04 9.54 -7.40
N ILE A 66 12.08 9.09 -6.60
CA ILE A 66 11.67 7.69 -6.61
C ILE A 66 10.99 7.28 -7.93
N VAL A 67 10.05 8.11 -8.38
CA VAL A 67 9.32 7.84 -9.61
C VAL A 67 10.24 7.81 -10.83
N SER A 68 11.12 8.79 -10.92
CA SER A 68 12.12 8.87 -11.99
C SER A 68 13.02 7.63 -12.03
N HIS A 69 13.47 7.18 -10.85
CA HIS A 69 14.26 5.95 -10.76
C HIS A 69 13.46 4.75 -11.27
N ALA A 70 12.22 4.60 -10.77
CA ALA A 70 11.35 3.51 -11.20
C ALA A 70 11.19 3.46 -12.72
N GLN A 71 10.89 4.60 -13.32
CA GLN A 71 10.68 4.67 -14.76
C GLN A 71 11.93 4.27 -15.55
N SER A 72 13.08 4.68 -15.05
CA SER A 72 14.36 4.38 -15.69
C SER A 72 14.69 2.89 -15.63
N LYS A 73 14.12 2.19 -14.66
CA LYS A 73 14.35 0.76 -14.48
C LYS A 73 13.19 -0.10 -14.95
N GLY A 74 12.13 0.52 -15.47
CA GLY A 74 10.96 -0.22 -15.90
C GLY A 74 10.16 -0.80 -14.75
N MET A 75 10.22 -0.15 -13.59
CA MET A 75 9.47 -0.57 -12.41
C MET A 75 8.14 0.14 -12.32
N LYS A 76 7.12 -0.56 -11.81
CA LYS A 76 5.83 0.04 -11.49
C LYS A 76 5.94 0.88 -10.22
N VAL A 77 4.99 1.80 -10.04
CA VAL A 77 4.93 2.66 -8.85
C VAL A 77 3.55 2.57 -8.23
N ARG A 78 3.51 2.38 -6.91
CA ARG A 78 2.26 2.55 -6.16
C ARG A 78 2.30 3.89 -5.46
N GLY A 79 1.29 4.72 -5.70
CA GLY A 79 1.16 6.00 -5.00
C GLY A 79 0.59 5.83 -3.60
N HIS A 80 1.21 6.46 -2.62
CA HIS A 80 0.87 6.23 -1.21
C HIS A 80 1.07 7.50 -0.38
N THR A 81 0.02 8.12 0.20
CA THR A 81 -1.40 7.78 0.11
C THR A 81 -2.17 9.11 0.15
N LEU A 82 -3.32 9.19 -0.52
CA LEU A 82 -3.92 10.51 -0.75
C LEU A 82 -4.69 11.09 0.43
N VAL A 83 -5.58 10.29 1.03
CA VAL A 83 -6.42 10.74 2.12
C VAL A 83 -6.20 9.77 3.29
N TRP A 84 -5.74 10.30 4.42
CA TRP A 84 -5.33 9.49 5.57
C TRP A 84 -5.43 10.38 6.81
N HIS A 85 -5.93 9.81 7.91
CA HIS A 85 -6.07 10.54 9.17
C HIS A 85 -4.72 10.91 9.79
N SER A 86 -3.68 10.17 9.44
CA SER A 86 -2.39 10.27 10.12
C SER A 86 -1.44 11.28 9.50
N GLN A 87 -0.66 11.93 10.36
CA GLN A 87 0.44 12.80 9.97
C GLN A 87 0.02 13.96 9.04
N LEU A 88 -1.20 14.47 9.24
CA LEU A 88 -1.68 15.64 8.50
C LEU A 88 -1.00 16.90 8.99
N PRO A 89 -0.76 17.87 8.10
CA PRO A 89 -0.30 19.20 8.51
C PRO A 89 -1.29 19.82 9.50
N GLY A 90 -0.79 20.70 10.38
CA GLY A 90 -1.61 21.26 11.43
C GLY A 90 -2.89 21.95 10.97
N TRP A 91 -2.86 22.53 9.79
CA TRP A 91 -3.94 23.38 9.29
C TRP A 91 -5.13 22.64 8.68
N VAL A 92 -5.02 21.32 8.51
CA VAL A 92 -6.12 20.57 7.88
C VAL A 92 -7.32 20.42 8.83
N SER A 93 -7.05 20.01 10.07
CA SER A 93 -8.11 19.70 11.03
C SER A 93 -9.06 20.83 11.43
N PRO A 94 -8.59 22.08 11.56
CA PRO A 94 -9.53 23.18 11.89
C PRO A 94 -10.47 23.62 10.77
N LEU A 95 -10.22 23.21 9.53
CA LEU A 95 -11.07 23.63 8.40
C LEU A 95 -12.53 23.19 8.55
N ALA A 96 -13.46 24.11 8.24
CA ALA A 96 -14.89 23.79 8.23
C ALA A 96 -15.14 22.82 7.10
N ALA A 97 -16.25 22.07 7.21
CA ALA A 97 -16.61 21.02 6.25
C ALA A 97 -16.43 21.41 4.77
N THR A 98 -17.03 22.52 4.36
CA THR A 98 -16.96 22.92 2.95
C THR A 98 -15.51 23.16 2.48
N ASP A 99 -14.67 23.73 3.35
CA ASP A 99 -13.29 24.04 3.00
C ASP A 99 -12.38 22.82 3.06
N LEU A 100 -12.68 21.91 3.98
CA LEU A 100 -12.00 20.62 4.05
C LEU A 100 -12.24 19.82 2.77
N ARG A 101 -13.50 19.77 2.33
CA ARG A 101 -13.86 19.08 1.09
C ARG A 101 -13.08 19.64 -0.09
N SER A 102 -13.09 20.97 -0.23
CA SER A 102 -12.28 21.63 -1.26
C SER A 102 -10.79 21.27 -1.17
N ALA A 103 -10.22 21.37 0.03
CA ALA A 103 -8.80 21.11 0.24
C ALA A 103 -8.45 19.65 -0.07
N MET A 104 -9.32 18.73 0.36
CA MET A 104 -9.13 17.30 0.08
C MET A 104 -9.15 17.03 -1.43
N ASN A 105 -10.15 17.53 -2.14
CA ASN A 105 -10.23 17.29 -3.58
C ASN A 105 -9.10 17.95 -4.35
N ASN A 106 -8.70 19.15 -3.91
CA ASN A 106 -7.55 19.86 -4.47
C ASN A 106 -6.25 19.06 -4.31
N HIS A 107 -6.06 18.50 -3.13
CA HIS A 107 -4.90 17.65 -2.82
C HIS A 107 -4.85 16.43 -3.73
N ILE A 108 -5.96 15.69 -3.76
CA ILE A 108 -6.09 14.53 -4.66
C ILE A 108 -5.75 14.93 -6.09
N THR A 109 -6.34 16.03 -6.55
CA THR A 109 -6.28 16.41 -7.95
C THR A 109 -4.87 16.84 -8.38
N GLN A 110 -4.23 17.71 -7.59
CA GLN A 110 -2.89 18.16 -7.94
C GLN A 110 -1.80 17.08 -7.77
N VAL A 111 -1.92 16.25 -6.74
CA VAL A 111 -0.95 15.18 -6.57
C VAL A 111 -1.06 14.17 -7.73
N MET A 112 -2.29 13.75 -8.03
CA MET A 112 -2.50 12.79 -9.13
C MET A 112 -2.11 13.38 -10.49
N THR A 113 -2.35 14.68 -10.67
CA THR A 113 -1.95 15.41 -11.88
C THR A 113 -0.43 15.33 -12.12
N HIS A 114 0.34 15.57 -11.07
CA HIS A 114 1.80 15.58 -11.21
C HIS A 114 2.33 14.22 -11.69
N TYR A 115 1.69 13.14 -11.24
CA TYR A 115 2.10 11.77 -11.56
C TYR A 115 1.22 11.07 -12.60
N LYS A 116 0.39 11.83 -13.30
CA LYS A 116 -0.57 11.23 -14.25
C LYS A 116 0.14 10.32 -15.26
N GLY A 117 -0.39 9.10 -15.39
CA GLY A 117 0.13 8.13 -16.33
C GLY A 117 1.38 7.39 -15.88
N LYS A 118 1.86 7.70 -14.68
CA LYS A 118 3.08 7.08 -14.16
C LYS A 118 2.83 6.13 -12.98
N ILE A 119 1.57 6.02 -12.57
CA ILE A 119 1.22 5.32 -11.33
C ILE A 119 0.36 4.09 -11.61
N HIS A 120 0.84 2.92 -11.19
CA HIS A 120 0.14 1.66 -11.42
C HIS A 120 -1.13 1.60 -10.56
N SER A 121 -0.98 1.95 -9.28
CA SER A 121 -2.06 1.93 -8.31
C SER A 121 -1.91 3.07 -7.31
N TRP A 122 -3.04 3.62 -6.85
CA TRP A 122 -3.06 4.64 -5.80
C TRP A 122 -3.73 4.08 -4.55
N ASP A 123 -3.09 4.26 -3.39
CA ASP A 123 -3.83 4.15 -2.13
C ASP A 123 -4.59 5.46 -1.93
N VAL A 124 -5.85 5.49 -2.39
CA VAL A 124 -6.65 6.71 -2.41
C VAL A 124 -7.06 7.10 -0.98
N VAL A 125 -7.59 6.12 -0.27
CA VAL A 125 -7.91 6.29 1.15
C VAL A 125 -7.20 5.18 1.94
N ASN A 126 -6.65 5.56 3.09
CA ASN A 126 -5.86 4.68 3.94
C ASN A 126 -6.46 4.64 5.35
N GLU A 127 -6.63 3.42 5.88
CA GLU A 127 -6.89 3.20 7.32
C GLU A 127 -8.11 3.94 7.90
N ALA A 128 -9.26 3.80 7.23
CA ALA A 128 -10.46 4.53 7.61
C ALA A 128 -11.28 3.87 8.72
N PHE A 129 -10.92 2.66 9.10
CA PHE A 129 -11.68 1.91 10.10
C PHE A 129 -10.90 1.68 11.39
N GLN A 130 -11.63 1.62 12.50
CA GLN A 130 -11.04 1.35 13.82
C GLN A 130 -10.56 -0.09 13.94
N ASP A 131 -9.54 -0.29 14.78
CA ASP A 131 -9.13 -1.62 15.21
C ASP A 131 -10.13 -2.19 16.21
N GLY A 132 -10.06 -3.50 16.43
CA GLY A 132 -10.90 -4.16 17.41
C GLY A 132 -12.23 -4.63 16.84
N GLY A 133 -13.20 -4.83 17.72
CA GLY A 133 -14.45 -5.46 17.34
C GLY A 133 -15.59 -4.59 16.80
N SER A 134 -15.42 -3.27 16.81
CA SER A 134 -16.53 -2.36 16.49
C SER A 134 -16.96 -2.31 15.03
N GLY A 135 -16.00 -2.41 14.10
CA GLY A 135 -16.27 -2.23 12.69
C GLY A 135 -16.63 -0.79 12.34
N ALA A 136 -16.37 0.12 13.27
CA ALA A 136 -16.74 1.52 13.12
C ALA A 136 -15.67 2.33 12.40
N ARG A 137 -16.09 3.45 11.84
CA ARG A 137 -15.16 4.38 11.22
C ARG A 137 -14.27 5.02 12.28
N ARG A 138 -13.01 5.22 11.92
CA ARG A 138 -12.04 5.96 12.70
C ARG A 138 -12.40 7.45 12.64
N SER A 139 -12.29 8.14 13.79
CA SER A 139 -12.42 9.59 13.83
C SER A 139 -11.29 10.23 13.01
N SER A 140 -11.61 11.25 12.21
CA SER A 140 -10.64 12.00 11.42
C SER A 140 -11.29 13.30 10.95
N PRO A 141 -10.52 14.29 10.53
CA PRO A 141 -11.17 15.50 9.98
C PRO A 141 -12.16 15.12 8.87
N PHE A 142 -11.76 14.19 8.01
CA PHE A 142 -12.60 13.75 6.90
C PHE A 142 -13.87 13.04 7.38
N GLN A 143 -13.73 12.08 8.30
CA GLN A 143 -14.88 11.37 8.82
C GLN A 143 -15.78 12.27 9.66
N ASP A 144 -15.17 13.04 10.57
CA ASP A 144 -15.94 13.88 11.51
C ASP A 144 -16.75 14.95 10.77
N LYS A 145 -16.13 15.61 9.80
CA LYS A 145 -16.73 16.79 9.17
C LYS A 145 -17.45 16.52 7.85
N LEU A 146 -16.93 15.58 7.06
CA LEU A 146 -17.57 15.23 5.79
C LEU A 146 -18.51 14.04 5.90
N GLY A 147 -18.34 13.21 6.92
CA GLY A 147 -19.22 12.08 7.15
C GLY A 147 -18.83 10.82 6.37
N ASN A 148 -19.69 9.81 6.44
CA ASN A 148 -19.42 8.50 5.84
C ASN A 148 -19.09 8.56 4.35
N GLY A 149 -19.65 9.56 3.68
CA GLY A 149 -19.49 9.69 2.23
C GLY A 149 -18.13 10.17 1.72
N PHE A 150 -17.21 10.52 2.61
CA PHE A 150 -15.92 11.09 2.17
C PHE A 150 -15.08 10.11 1.36
N ILE A 151 -15.18 8.83 1.68
CA ILE A 151 -14.45 7.80 0.97
C ILE A 151 -14.90 7.74 -0.50
N GLU A 152 -16.20 7.60 -0.72
CA GLU A 152 -16.77 7.60 -2.05
C GLU A 152 -16.39 8.86 -2.83
N GLU A 153 -16.48 10.02 -2.18
CA GLU A 153 -16.12 11.27 -2.85
C GLU A 153 -14.64 11.27 -3.28
N ALA A 154 -13.76 10.75 -2.44
CA ALA A 154 -12.32 10.71 -2.76
C ALA A 154 -12.06 9.83 -3.98
N PHE A 155 -12.73 8.68 -4.05
CA PHE A 155 -12.56 7.77 -5.19
C PHE A 155 -13.11 8.37 -6.48
N ARG A 156 -14.24 9.06 -6.38
CA ARG A 156 -14.81 9.73 -7.56
C ARG A 156 -13.89 10.81 -8.10
N THR A 157 -13.32 11.62 -7.20
CA THR A 157 -12.36 12.64 -7.61
C THR A 157 -11.14 12.01 -8.29
N ALA A 158 -10.59 10.98 -7.64
CA ALA A 158 -9.43 10.25 -8.15
C ALA A 158 -9.65 9.76 -9.58
N ARG A 159 -10.79 9.11 -9.81
CA ARG A 159 -11.14 8.58 -11.13
C ARG A 159 -11.18 9.66 -12.23
N THR A 160 -11.68 10.86 -11.91
CA THR A 160 -11.71 11.94 -12.92
C THR A 160 -10.33 12.42 -13.35
N VAL A 161 -9.35 12.24 -12.47
CA VAL A 161 -8.01 12.79 -12.71
C VAL A 161 -7.14 11.85 -13.55
N ASP A 162 -7.07 10.59 -13.15
CA ASP A 162 -6.22 9.62 -13.84
C ASP A 162 -6.95 8.29 -13.99
N ALA A 163 -7.54 8.10 -15.17
CA ALA A 163 -8.34 6.91 -15.45
C ALA A 163 -7.49 5.64 -15.58
N ASP A 164 -6.18 5.80 -15.74
CA ASP A 164 -5.27 4.68 -15.97
C ASP A 164 -4.74 3.99 -14.69
N ALA A 165 -4.82 4.67 -13.56
CA ALA A 165 -4.38 4.10 -12.28
C ALA A 165 -5.46 3.22 -11.66
N LYS A 166 -5.05 2.12 -11.04
CA LYS A 166 -5.95 1.32 -10.21
C LYS A 166 -6.15 2.08 -8.91
N LEU A 167 -7.41 2.25 -8.50
CA LEU A 167 -7.73 2.99 -7.28
C LEU A 167 -7.98 2.03 -6.12
N CYS A 168 -7.13 2.12 -5.10
CA CYS A 168 -7.19 1.18 -3.97
C CYS A 168 -7.69 1.81 -2.67
N TYR A 169 -8.46 1.04 -1.92
CA TYR A 169 -8.66 1.30 -0.50
C TYR A 169 -7.64 0.44 0.26
N ASN A 170 -6.88 1.05 1.16
CA ASN A 170 -5.80 0.34 1.85
C ASN A 170 -5.98 0.32 3.38
N ASP A 171 -5.69 -0.82 4.01
CA ASP A 171 -5.84 -0.96 5.46
C ASP A 171 -5.04 -2.14 6.03
N TYR A 172 -4.81 -2.13 7.34
CA TYR A 172 -4.11 -3.21 8.06
C TYR A 172 -5.07 -3.92 9.04
N ASN A 173 -4.61 -5.05 9.59
CA ASN A 173 -5.42 -5.90 10.46
C ASN A 173 -6.71 -6.33 9.78
N THR A 174 -6.64 -6.46 8.45
CA THR A 174 -7.76 -6.93 7.63
C THR A 174 -7.41 -8.22 6.92
N ASP A 175 -6.44 -8.97 7.47
CA ASP A 175 -5.90 -10.12 6.74
C ASP A 175 -6.78 -11.37 6.79
N GLY A 176 -7.39 -11.60 7.94
CA GLY A 176 -8.40 -12.65 8.04
C GLY A 176 -9.79 -12.05 7.99
N GLN A 177 -10.80 -12.90 7.96
CA GLN A 177 -12.16 -12.42 8.10
C GLN A 177 -12.41 -12.12 9.58
N ASN A 178 -12.62 -10.84 9.87
CA ASN A 178 -12.83 -10.35 11.23
C ASN A 178 -13.71 -9.10 11.19
N ALA A 179 -14.01 -8.49 12.33
CA ALA A 179 -14.93 -7.35 12.34
C ALA A 179 -14.43 -6.20 11.47
N LYS A 180 -13.13 -5.94 11.53
CA LYS A 180 -12.53 -4.87 10.71
C LYS A 180 -12.61 -5.17 9.21
N SER A 181 -12.13 -6.34 8.78
CA SER A 181 -12.23 -6.68 7.36
C SER A 181 -13.69 -6.80 6.87
N ASN A 182 -14.59 -7.21 7.76
CA ASN A 182 -16.02 -7.27 7.45
C ASN A 182 -16.61 -5.89 7.13
N ALA A 183 -16.17 -4.88 7.88
CA ALA A 183 -16.61 -3.51 7.63
C ALA A 183 -16.10 -3.02 6.28
N VAL A 184 -14.84 -3.32 5.97
CA VAL A 184 -14.26 -2.97 4.66
C VAL A 184 -15.01 -3.71 3.54
N TYR A 185 -15.30 -4.99 3.77
CA TYR A 185 -16.04 -5.82 2.81
C TYR A 185 -17.41 -5.24 2.49
N GLU A 186 -18.17 -4.90 3.53
CA GLU A 186 -19.48 -4.26 3.37
C GLU A 186 -19.38 -3.01 2.50
N MET A 187 -18.39 -2.17 2.80
CA MET A 187 -18.18 -0.93 2.06
C MET A 187 -17.88 -1.21 0.59
N VAL A 188 -16.94 -2.11 0.34
CA VAL A 188 -16.53 -2.39 -1.03
C VAL A 188 -17.67 -3.03 -1.85
N LYS A 189 -18.39 -3.96 -1.24
CA LYS A 189 -19.54 -4.59 -1.90
C LYS A 189 -20.57 -3.53 -2.30
N ASP A 190 -20.86 -2.61 -1.38
CA ASP A 190 -21.76 -1.48 -1.63
C ASP A 190 -21.25 -0.61 -2.77
N PHE A 191 -19.96 -0.25 -2.72
CA PHE A 191 -19.32 0.51 -3.80
C PHE A 191 -19.50 -0.17 -5.16
N LYS A 192 -19.17 -1.47 -5.25
CA LYS A 192 -19.28 -2.20 -6.52
C LYS A 192 -20.74 -2.32 -6.99
N GLN A 193 -21.68 -2.51 -6.06
CA GLN A 193 -23.10 -2.57 -6.42
C GLN A 193 -23.61 -1.29 -7.07
N ARG A 194 -23.07 -0.15 -6.62
CA ARG A 194 -23.52 1.18 -7.07
C ARG A 194 -22.64 1.79 -8.18
N GLY A 195 -21.56 1.09 -8.58
CA GLY A 195 -20.67 1.59 -9.60
C GLY A 195 -19.73 2.71 -9.16
N VAL A 196 -19.48 2.79 -7.86
CA VAL A 196 -18.42 3.64 -7.31
C VAL A 196 -17.08 3.15 -7.85
N PRO A 197 -16.24 4.06 -8.35
CA PRO A 197 -14.98 3.69 -9.00
C PRO A 197 -13.87 3.24 -8.03
N ILE A 198 -13.96 2.02 -7.52
CA ILE A 198 -12.88 1.40 -6.76
C ILE A 198 -12.43 0.16 -7.54
N ASP A 199 -11.12 -0.01 -7.71
CA ASP A 199 -10.56 -1.13 -8.49
C ASP A 199 -9.86 -2.17 -7.66
N CYS A 200 -9.54 -1.84 -6.42
CA CYS A 200 -8.63 -2.68 -5.65
C CYS A 200 -8.76 -2.45 -4.16
N VAL A 201 -8.44 -3.49 -3.41
CA VAL A 201 -8.33 -3.40 -1.96
C VAL A 201 -6.91 -3.80 -1.58
N GLY A 202 -6.24 -2.93 -0.83
CA GLY A 202 -4.89 -3.20 -0.37
C GLY A 202 -4.92 -3.77 1.03
N PHE A 203 -4.11 -4.82 1.24
CA PHE A 203 -3.96 -5.46 2.54
C PHE A 203 -2.53 -5.23 2.98
N GLN A 204 -2.35 -4.41 4.01
CA GLN A 204 -0.99 -4.04 4.46
C GLN A 204 -0.17 -5.25 4.89
N SER A 205 -0.80 -6.15 5.63
CA SER A 205 -0.20 -7.44 6.01
C SER A 205 1.08 -7.27 6.85
N HIS A 206 0.96 -6.49 7.93
CA HIS A 206 2.04 -6.35 8.91
C HIS A 206 1.87 -7.42 9.96
N PHE A 207 2.55 -8.54 9.76
CA PHE A 207 2.39 -9.70 10.64
C PHE A 207 3.44 -9.75 11.74
N ASN A 208 3.00 -10.17 12.93
CA ASN A 208 3.88 -10.33 14.08
C ASN A 208 3.27 -11.34 15.08
N SER A 209 3.91 -11.56 16.23
CA SER A 209 3.43 -12.61 17.15
C SER A 209 1.99 -12.39 17.64
N ASN A 210 1.60 -11.12 17.79
CA ASN A 210 0.24 -10.77 18.23
C ASN A 210 -0.77 -10.73 17.11
N SER A 211 -0.26 -10.57 15.88
CA SER A 211 -1.09 -10.52 14.67
C SER A 211 -0.49 -11.47 13.63
N PRO A 212 -0.64 -12.78 13.84
CA PRO A 212 -0.02 -13.79 12.97
C PRO A 212 -0.75 -13.93 11.62
N VAL A 213 -0.14 -14.65 10.68
CA VAL A 213 -0.83 -14.99 9.44
C VAL A 213 -2.02 -15.88 9.81
N PRO A 214 -3.25 -15.43 9.55
CA PRO A 214 -4.45 -16.18 9.96
C PRO A 214 -4.70 -17.38 9.04
N SER A 215 -5.36 -18.41 9.57
CA SER A 215 -5.61 -19.62 8.79
C SER A 215 -6.52 -19.39 7.59
N ASP A 216 -7.32 -18.33 7.63
CA ASP A 216 -8.25 -18.00 6.54
C ASP A 216 -7.78 -16.83 5.67
N PHE A 217 -6.47 -16.56 5.68
CA PHE A 217 -5.89 -15.49 4.87
C PHE A 217 -6.33 -15.60 3.40
N GLN A 218 -6.15 -16.77 2.80
CA GLN A 218 -6.48 -16.99 1.38
C GLN A 218 -7.98 -16.80 1.11
N ALA A 219 -8.82 -17.42 1.94
CA ALA A 219 -10.28 -17.30 1.78
C ALA A 219 -10.74 -15.85 1.90
N ASN A 220 -10.12 -15.08 2.81
CA ASN A 220 -10.43 -13.66 2.93
C ASN A 220 -10.06 -12.88 1.66
N LEU A 221 -8.83 -13.07 1.16
CA LEU A 221 -8.46 -12.45 -0.12
C LEU A 221 -9.45 -12.82 -1.22
N GLN A 222 -9.85 -14.10 -1.26
CA GLN A 222 -10.73 -14.59 -2.32
C GLN A 222 -12.12 -13.93 -2.31
N ARG A 223 -12.70 -13.76 -1.12
CA ARG A 223 -14.02 -13.14 -1.04
C ARG A 223 -14.02 -11.68 -1.51
N PHE A 224 -12.91 -10.97 -1.28
CA PHE A 224 -12.75 -9.62 -1.81
C PHE A 224 -12.59 -9.64 -3.33
N ALA A 225 -11.72 -10.52 -3.83
CA ALA A 225 -11.57 -10.71 -5.27
C ALA A 225 -12.94 -10.97 -5.95
N ASP A 226 -13.78 -11.77 -5.29
CA ASP A 226 -15.08 -12.17 -5.83
C ASP A 226 -16.09 -11.03 -5.93
N LEU A 227 -15.81 -9.90 -5.28
CA LEU A 227 -16.62 -8.69 -5.43
C LEU A 227 -16.33 -7.94 -6.73
N GLY A 228 -15.31 -8.38 -7.47
CA GLY A 228 -14.92 -7.74 -8.71
C GLY A 228 -13.86 -6.67 -8.53
N VAL A 229 -12.95 -6.87 -7.59
CA VAL A 229 -11.80 -5.97 -7.41
C VAL A 229 -10.51 -6.81 -7.39
N ASP A 230 -9.39 -6.17 -7.73
CA ASP A 230 -8.08 -6.78 -7.50
C ASP A 230 -7.77 -6.69 -6.01
N VAL A 231 -6.98 -7.62 -5.51
CA VAL A 231 -6.42 -7.48 -4.16
C VAL A 231 -4.90 -7.39 -4.25
N GLN A 232 -4.34 -6.52 -3.44
CA GLN A 232 -2.89 -6.31 -3.44
C GLN A 232 -2.41 -6.44 -2.00
N ILE A 233 -1.28 -7.12 -1.82
CA ILE A 233 -0.61 -7.14 -0.51
C ILE A 233 0.39 -5.99 -0.57
N THR A 234 0.15 -4.97 0.23
CA THR A 234 0.81 -3.67 0.00
C THR A 234 2.01 -3.35 0.87
N GLU A 235 2.04 -3.90 2.09
CA GLU A 235 3.06 -3.48 3.06
C GLU A 235 3.62 -4.67 3.85
N LEU A 236 3.81 -5.77 3.15
CA LEU A 236 4.13 -7.03 3.80
C LEU A 236 5.45 -6.98 4.59
N ASP A 237 5.35 -7.29 5.87
CA ASP A 237 6.54 -7.66 6.64
C ASP A 237 6.11 -8.63 7.73
N ILE A 238 7.05 -9.45 8.20
CA ILE A 238 6.74 -10.54 9.11
C ILE A 238 7.85 -10.65 10.14
N GLU A 239 7.56 -10.28 11.38
CA GLU A 239 8.57 -10.30 12.43
C GLU A 239 9.08 -11.72 12.72
N GLY A 240 10.37 -11.83 13.03
CA GLY A 240 10.96 -13.11 13.37
C GLY A 240 12.24 -13.43 12.61
N SER A 241 12.62 -14.70 12.62
CA SER A 241 13.85 -15.14 11.96
C SER A 241 13.78 -16.60 11.51
N GLY A 242 14.75 -16.99 10.67
CA GLY A 242 14.97 -18.37 10.29
C GLY A 242 13.79 -19.08 9.65
N SER A 243 13.67 -20.38 9.91
CA SER A 243 12.68 -21.23 9.25
C SER A 243 11.24 -20.79 9.55
N ALA A 244 10.99 -20.28 10.76
CA ALA A 244 9.65 -19.84 11.14
C ALA A 244 9.21 -18.64 10.29
N GLN A 245 10.11 -17.68 10.14
CA GLN A 245 9.86 -16.52 9.28
C GLN A 245 9.68 -16.97 7.83
N ALA A 246 10.58 -17.83 7.37
CA ALA A 246 10.53 -18.31 6.00
C ALA A 246 9.19 -18.99 5.71
N ALA A 247 8.76 -19.88 6.61
CA ALA A 247 7.46 -20.56 6.45
C ALA A 247 6.27 -19.60 6.43
N ASN A 248 6.35 -18.53 7.23
CA ASN A 248 5.30 -17.50 7.22
C ASN A 248 5.23 -16.78 5.88
N TYR A 249 6.39 -16.46 5.30
CA TYR A 249 6.43 -15.84 3.97
C TYR A 249 5.87 -16.80 2.89
N THR A 250 6.18 -18.09 3.00
CA THR A 250 5.64 -19.10 2.08
C THR A 250 4.12 -19.10 2.11
N LYS A 251 3.56 -19.09 3.33
CA LYS A 251 2.11 -19.03 3.51
C LYS A 251 1.49 -17.88 2.74
N VAL A 252 2.10 -16.71 2.87
CA VAL A 252 1.58 -15.48 2.28
C VAL A 252 1.67 -15.49 0.76
N VAL A 253 2.84 -15.88 0.22
CA VAL A 253 3.04 -15.93 -1.23
C VAL A 253 2.09 -16.98 -1.84
N ASN A 254 2.01 -18.16 -1.22
CA ASN A 254 1.10 -19.20 -1.69
C ASN A 254 -0.33 -18.67 -1.77
N ALA A 255 -0.78 -18.01 -0.71
CA ALA A 255 -2.14 -17.47 -0.68
C ALA A 255 -2.41 -16.48 -1.82
N CYS A 256 -1.50 -15.54 -2.04
CA CYS A 256 -1.65 -14.59 -3.15
C CYS A 256 -1.69 -15.31 -4.50
N LEU A 257 -0.75 -16.22 -4.73
CA LEU A 257 -0.65 -16.88 -6.03
C LEU A 257 -1.81 -17.84 -6.28
N ALA A 258 -2.52 -18.20 -5.21
CA ALA A 258 -3.73 -19.03 -5.33
C ALA A 258 -4.99 -18.24 -5.61
N VAL A 259 -4.92 -16.91 -5.54
CA VAL A 259 -6.06 -16.05 -5.80
C VAL A 259 -5.83 -15.30 -7.12
N THR A 260 -6.67 -15.55 -8.13
CA THR A 260 -6.39 -15.04 -9.47
C THR A 260 -6.36 -13.52 -9.57
N ARG A 261 -7.06 -12.84 -8.65
CA ARG A 261 -7.05 -11.38 -8.67
C ARG A 261 -6.15 -10.76 -7.60
N CYS A 262 -5.30 -11.57 -6.97
CA CYS A 262 -4.21 -11.02 -6.19
C CYS A 262 -3.09 -10.70 -7.17
N THR A 263 -2.95 -9.41 -7.49
CA THR A 263 -2.11 -8.98 -8.60
C THR A 263 -0.67 -8.67 -8.20
N GLY A 264 -0.38 -8.64 -6.90
CA GLY A 264 0.98 -8.35 -6.48
C GLY A 264 1.23 -8.25 -5.00
N ILE A 265 2.50 -8.31 -4.65
CA ILE A 265 2.96 -8.19 -3.26
C ILE A 265 4.06 -7.14 -3.21
N THR A 266 3.97 -6.27 -2.21
CA THR A 266 5.03 -5.30 -1.90
C THR A 266 5.46 -5.55 -0.46
N VAL A 267 6.76 -5.73 -0.23
CA VAL A 267 7.29 -5.83 1.12
C VAL A 267 7.67 -4.43 1.62
N TRP A 268 7.50 -4.21 2.92
CA TRP A 268 7.65 -2.85 3.47
C TRP A 268 9.10 -2.49 3.79
N GLY A 269 9.91 -2.45 2.73
CA GLY A 269 11.30 -2.04 2.80
C GLY A 269 12.22 -2.99 2.06
N VAL A 270 13.39 -2.48 1.69
CA VAL A 270 14.40 -3.24 0.96
C VAL A 270 15.24 -4.08 1.94
N THR A 271 15.59 -3.48 3.07
CA THR A 271 16.50 -4.07 4.04
C THR A 271 16.05 -3.91 5.50
N ASP A 272 16.29 -4.95 6.29
CA ASP A 272 16.08 -4.92 7.73
C ASP A 272 16.66 -3.67 8.40
N LYS A 273 17.82 -3.22 7.91
CA LYS A 273 18.54 -2.03 8.38
C LYS A 273 17.63 -0.82 8.58
N TYR A 274 16.71 -0.63 7.64
CA TYR A 274 15.89 0.57 7.59
C TYR A 274 14.40 0.29 7.79
N SER A 275 14.07 -0.91 8.24
CA SER A 275 12.68 -1.28 8.52
C SER A 275 12.10 -0.43 9.65
N TRP A 276 10.84 -0.05 9.50
CA TRP A 276 10.10 0.66 10.57
C TRP A 276 9.89 -0.22 11.80
N ARG A 277 10.12 -1.52 11.65
CA ARG A 277 10.07 -2.49 12.75
C ARG A 277 11.41 -3.25 12.84
N SER A 278 12.52 -2.52 12.89
CA SER A 278 13.84 -3.14 12.77
C SER A 278 14.18 -4.20 13.84
N GLY A 279 13.66 -4.06 15.05
CA GLY A 279 13.94 -5.04 16.11
C GLY A 279 13.27 -6.38 15.83
N GLY A 280 12.28 -6.38 14.95
CA GLY A 280 11.63 -7.59 14.49
C GLY A 280 12.24 -8.19 13.23
N THR A 281 13.32 -7.59 12.73
CA THR A 281 14.04 -8.06 11.53
C THR A 281 13.09 -8.71 10.51
N PRO A 282 12.14 -7.95 9.98
CA PRO A 282 10.96 -8.53 9.33
C PRO A 282 10.97 -8.64 7.80
N LEU A 283 12.11 -8.36 7.15
CA LEU A 283 12.16 -8.27 5.69
C LEU A 283 12.99 -9.37 5.02
N LEU A 284 13.26 -9.23 3.73
CA LEU A 284 13.91 -10.30 2.96
C LEU A 284 15.44 -10.21 2.89
N PHE A 285 15.98 -9.03 3.17
CA PHE A 285 17.41 -8.80 3.15
C PHE A 285 17.86 -8.28 4.52
N ASP A 286 19.00 -8.78 5.00
CA ASP A 286 19.51 -8.33 6.30
C ASP A 286 20.17 -6.94 6.20
N GLY A 287 20.79 -6.50 7.28
CA GLY A 287 21.43 -5.20 7.34
C GLY A 287 22.59 -4.97 6.37
N ASP A 288 23.16 -6.05 5.83
CA ASP A 288 24.21 -5.97 4.82
C ASP A 288 23.73 -6.32 3.41
N TYR A 289 22.42 -6.33 3.24
CA TYR A 289 21.78 -6.62 1.95
C TYR A 289 22.02 -8.05 1.49
N ASN A 290 22.23 -8.95 2.45
CA ASN A 290 22.35 -10.35 2.10
C ASN A 290 21.00 -11.05 2.17
N LYS A 291 20.77 -11.96 1.23
CA LYS A 291 19.54 -12.75 1.16
C LYS A 291 19.35 -13.55 2.45
N LYS A 292 18.14 -13.48 3.01
CA LYS A 292 17.79 -14.25 4.21
C LYS A 292 17.04 -15.55 3.84
N PRO A 293 16.91 -16.49 4.78
CA PRO A 293 16.05 -17.65 4.54
C PRO A 293 14.66 -17.25 4.06
N ALA A 294 14.14 -16.12 4.54
CA ALA A 294 12.86 -15.57 4.07
C ALA A 294 12.87 -15.32 2.56
N TYR A 295 13.97 -14.74 2.06
CA TYR A 295 14.11 -14.48 0.63
C TYR A 295 14.04 -15.80 -0.16
N ASP A 296 14.79 -16.79 0.31
CA ASP A 296 14.84 -18.08 -0.37
C ASP A 296 13.44 -18.68 -0.50
N ALA A 297 12.66 -18.59 0.57
CA ALA A 297 11.30 -19.13 0.61
C ALA A 297 10.38 -18.40 -0.36
N VAL A 298 10.47 -17.06 -0.39
CA VAL A 298 9.67 -16.26 -1.33
C VAL A 298 9.97 -16.66 -2.78
N LEU A 299 11.26 -16.70 -3.13
CA LEU A 299 11.68 -17.02 -4.50
C LEU A 299 11.24 -18.43 -4.91
N ALA A 300 11.42 -19.39 -4.01
CA ALA A 300 10.98 -20.76 -4.26
C ALA A 300 9.46 -20.89 -4.43
N ALA A 301 8.69 -20.01 -3.78
CA ALA A 301 7.21 -20.03 -3.87
C ALA A 301 6.65 -19.35 -5.12
N LEU A 302 7.40 -18.42 -5.70
CA LEU A 302 6.95 -17.70 -6.88
C LEU A 302 7.03 -18.57 -8.11
MG MG B . 9.11 -20.61 -9.38
#